data_9F4W
#
_entry.id   9F4W
#
_cell.length_a   37.955
_cell.length_b   43.807
_cell.length_c   56.143
_cell.angle_alpha   90.000
_cell.angle_beta   94.460
_cell.angle_gamma   90.000
#
_symmetry.space_group_name_H-M   'P 1 21 1'
#
loop_
_entity.id
_entity.type
_entity.pdbx_description
1 polymer 'Heterogeneous nuclear ribonucleoprotein A1, N-terminally processed'
2 non-polymer 1-{[4-(propan-2-yl)phenyl]methyl}piperidin-4-ol
3 water water
#
_entity_poly.entity_id   1
_entity_poly.type   'polypeptide(L)'
_entity_poly.pdbx_seq_one_letter_code
;GPMGSKSESPKEPEQLRKLFIGGLSFETTDESLRSHFEQWGTLTDCVVMRDPNTKRSRGFGFVTYATVEEVDAAMNARPH
KVDGRVVEPKRAVSREDSQRPGAHLTVKKIFVGGIKEDTEEHHLRDYFEQYGKIEVIEIMTDRGSGKKRGFAFVTFDDHD
SVDKIVIQKYHTVNGHNCEVRKALSKQEMASASSSQRG
;
_entity_poly.pdbx_strand_id   A
#
loop_
_chem_comp.id
_chem_comp.type
_chem_comp.name
_chem_comp.formula
O0M non-polymer 1-{[4-(propan-2-yl)phenyl]methyl}piperidin-4-ol 'C15 H23 N O'
#
# COMPACT_ATOMS: atom_id res chain seq x y z
N PRO A 10 10.91 -18.02 -9.94
CA PRO A 10 9.54 -18.06 -9.42
C PRO A 10 8.89 -16.68 -9.38
N LYS A 11 7.67 -16.60 -9.90
CA LYS A 11 6.95 -15.34 -10.00
C LYS A 11 6.27 -15.04 -8.66
N GLU A 12 6.24 -13.77 -8.28
CA GLU A 12 5.48 -13.37 -7.10
C GLU A 12 4.01 -13.74 -7.29
N PRO A 13 3.28 -14.03 -6.22
CA PRO A 13 1.84 -14.33 -6.35
C PRO A 13 1.11 -13.22 -7.09
N GLU A 14 0.22 -13.64 -7.99
CA GLU A 14 -0.50 -12.70 -8.83
C GLU A 14 -1.26 -11.66 -8.00
N GLN A 15 -1.84 -12.07 -6.86
CA GLN A 15 -2.58 -11.14 -6.02
C GLN A 15 -1.73 -9.95 -5.61
N LEU A 16 -0.43 -10.17 -5.41
CA LEU A 16 0.46 -9.09 -4.96
C LEU A 16 0.95 -8.23 -6.12
N ARG A 17 0.57 -8.57 -7.35
CA ARG A 17 0.99 -7.82 -8.53
C ARG A 17 -0.16 -7.03 -9.13
N LYS A 18 -1.32 -7.02 -8.49
CA LYS A 18 -2.50 -6.33 -9.00
C LYS A 18 -2.63 -4.92 -8.43
N LEU A 19 -3.15 -4.01 -9.25
CA LEU A 19 -3.64 -2.75 -8.73
C LEU A 19 -5.11 -2.63 -9.07
N PHE A 20 -5.89 -2.33 -8.05
CA PHE A 20 -7.32 -2.15 -8.18
C PHE A 20 -7.52 -0.65 -8.30
N ILE A 21 -8.14 -0.22 -9.40
CA ILE A 21 -8.16 1.19 -9.81
C ILE A 21 -9.59 1.68 -9.75
N GLY A 22 -9.88 2.56 -8.80
CA GLY A 22 -11.18 3.19 -8.69
C GLY A 22 -11.19 4.57 -9.34
N GLY A 23 -12.40 5.10 -9.49
CA GLY A 23 -12.55 6.45 -10.00
C GLY A 23 -12.28 6.62 -11.48
N LEU A 24 -12.45 5.56 -12.27
CA LEU A 24 -12.21 5.67 -13.71
C LEU A 24 -13.22 6.56 -14.38
N SER A 25 -12.76 7.28 -15.39
CA SER A 25 -13.68 7.80 -16.39
C SER A 25 -14.51 6.67 -16.99
N PHE A 26 -15.80 6.90 -17.17
CA PHE A 26 -16.63 5.90 -17.82
C PHE A 26 -16.21 5.66 -19.27
N GLU A 27 -15.43 6.57 -19.85
CA GLU A 27 -14.93 6.40 -21.20
C GLU A 27 -13.63 5.59 -21.25
N THR A 28 -13.01 5.32 -20.11
CA THR A 28 -11.82 4.47 -20.11
C THR A 28 -12.16 3.04 -20.51
N THR A 29 -11.30 2.47 -21.36
CA THR A 29 -11.47 1.13 -21.90
C THR A 29 -10.31 0.25 -21.44
N ASP A 30 -10.46 -1.06 -21.65
CA ASP A 30 -9.32 -1.97 -21.44
C ASP A 30 -8.07 -1.43 -22.11
N GLU A 31 -8.22 -0.96 -23.36
CA GLU A 31 -7.07 -0.52 -24.13
C GLU A 31 -6.49 0.78 -23.59
N SER A 32 -7.33 1.75 -23.21
CA SER A 32 -6.75 3.01 -22.74
C SER A 32 -6.18 2.88 -21.33
N LEU A 33 -6.79 2.05 -20.49
CA LEU A 33 -6.20 1.76 -19.18
C LEU A 33 -4.85 1.10 -19.34
N ARG A 34 -4.75 0.15 -20.28
CA ARG A 34 -3.48 -0.56 -20.53
C ARG A 34 -2.41 0.40 -21.06
N SER A 35 -2.76 1.22 -22.05
CA SER A 35 -1.77 2.15 -22.59
C SER A 35 -1.26 3.09 -21.52
N HIS A 36 -2.12 3.49 -20.57
CA HIS A 36 -1.64 4.33 -19.48
C HIS A 36 -0.67 3.56 -18.58
N PHE A 37 -1.11 2.44 -18.02
CA PHE A 37 -0.31 1.81 -16.97
C PHE A 37 0.85 0.98 -17.49
N GLU A 38 0.92 0.70 -18.79
CA GLU A 38 2.11 0.06 -19.33
C GLU A 38 3.33 0.96 -19.25
N GLN A 39 3.17 2.24 -18.91
CA GLN A 39 4.34 3.09 -18.74
C GLN A 39 5.20 2.64 -17.58
N TRP A 40 4.64 1.90 -16.62
CA TRP A 40 5.41 1.52 -15.44
C TRP A 40 5.70 0.03 -15.34
N GLY A 41 5.37 -0.76 -16.36
CA GLY A 41 5.78 -2.14 -16.36
C GLY A 41 4.97 -2.94 -17.35
N THR A 42 5.33 -4.21 -17.46
CA THR A 42 4.61 -5.16 -18.30
C THR A 42 3.28 -5.53 -17.63
N LEU A 43 2.18 -5.38 -18.36
CA LEU A 43 0.87 -5.78 -17.85
C LEU A 43 0.45 -7.13 -18.41
N THR A 44 0.29 -8.10 -17.53
CA THR A 44 -0.24 -9.40 -17.91
C THR A 44 -1.77 -9.44 -17.95
N ASP A 45 -2.44 -8.43 -17.37
CA ASP A 45 -3.89 -8.37 -17.38
C ASP A 45 -4.29 -6.91 -17.21
N CYS A 46 -5.43 -6.53 -17.80
CA CYS A 46 -5.91 -5.16 -17.68
C CYS A 46 -7.39 -5.17 -18.07
N VAL A 47 -8.27 -4.87 -17.13
CA VAL A 47 -9.72 -5.00 -17.36
C VAL A 47 -10.45 -3.83 -16.74
N VAL A 48 -11.41 -3.28 -17.49
CA VAL A 48 -12.35 -2.28 -16.93
C VAL A 48 -13.63 -3.07 -16.60
N MET A 49 -14.14 -2.91 -15.39
CA MET A 49 -15.37 -3.63 -15.00
C MET A 49 -16.58 -2.91 -15.60
N ARG A 50 -17.48 -3.70 -16.16
CA ARG A 50 -18.67 -3.12 -16.80
C ARG A 50 -19.92 -3.88 -16.42
N ASP A 51 -21.03 -3.17 -16.56
CA ASP A 51 -22.32 -3.80 -16.36
C ASP A 51 -22.53 -4.92 -17.38
N PRO A 52 -23.04 -6.09 -16.96
CA PRO A 52 -23.20 -7.21 -17.90
C PRO A 52 -24.26 -6.97 -18.96
N ASN A 53 -25.26 -6.12 -18.69
CA ASN A 53 -26.32 -5.88 -19.66
C ASN A 53 -26.08 -4.62 -20.49
N THR A 54 -25.71 -3.52 -19.86
CA THR A 54 -25.58 -2.25 -20.57
C THR A 54 -24.20 -2.03 -21.15
N LYS A 55 -23.19 -2.75 -20.66
CA LYS A 55 -21.77 -2.54 -20.95
C LYS A 55 -21.27 -1.19 -20.46
N ARG A 56 -22.09 -0.44 -19.72
CA ARG A 56 -21.61 0.82 -19.18
C ARG A 56 -20.61 0.54 -18.07
N SER A 57 -19.50 1.28 -18.09
CA SER A 57 -18.46 1.13 -17.07
C SER A 57 -19.02 1.24 -15.66
N ARG A 58 -18.41 0.45 -14.75
CA ARG A 58 -18.74 0.52 -13.32
C ARG A 58 -17.81 1.55 -12.64
N GLY A 59 -16.88 2.14 -13.41
CA GLY A 59 -16.02 3.14 -12.84
C GLY A 59 -14.78 2.60 -12.16
N PHE A 60 -14.48 1.32 -12.30
CA PHE A 60 -13.26 0.78 -11.73
C PHE A 60 -12.79 -0.40 -12.58
N GLY A 61 -11.54 -0.80 -12.35
CA GLY A 61 -10.95 -1.89 -13.07
C GLY A 61 -9.71 -2.35 -12.32
N PHE A 62 -8.93 -3.22 -12.96
CA PHE A 62 -7.68 -3.58 -12.32
C PHE A 62 -6.64 -3.82 -13.41
N VAL A 63 -5.38 -3.75 -13.03
CA VAL A 63 -4.29 -4.16 -13.89
C VAL A 63 -3.43 -5.13 -13.10
N THR A 64 -2.73 -5.99 -13.82
CA THR A 64 -1.79 -6.94 -13.21
C THR A 64 -0.43 -6.75 -13.84
N TYR A 65 0.56 -6.38 -13.02
CA TYR A 65 1.93 -6.25 -13.50
C TYR A 65 2.67 -7.58 -13.43
N ALA A 66 3.80 -7.64 -14.13
CA ALA A 66 4.62 -8.85 -14.11
C ALA A 66 5.40 -9.01 -12.81
N THR A 67 5.73 -7.92 -12.11
CA THR A 67 6.50 -7.99 -10.88
C THR A 67 5.94 -6.99 -9.86
N VAL A 68 6.29 -7.24 -8.60
CA VAL A 68 5.93 -6.31 -7.53
C VAL A 68 6.66 -4.98 -7.67
N GLU A 69 7.92 -5.01 -8.13
CA GLU A 69 8.64 -3.75 -8.36
C GLU A 69 7.89 -2.86 -9.34
N GLU A 70 7.21 -3.46 -10.33
CA GLU A 70 6.41 -2.67 -11.25
C GLU A 70 5.21 -2.05 -10.56
N VAL A 71 4.55 -2.80 -9.67
CA VAL A 71 3.47 -2.22 -8.87
C VAL A 71 3.97 -1.02 -8.09
N ASP A 72 5.14 -1.16 -7.44
CA ASP A 72 5.76 -0.05 -6.73
C ASP A 72 5.96 1.15 -7.65
N ALA A 73 6.50 0.90 -8.85
CA ALA A 73 6.76 1.99 -9.78
C ALA A 73 5.49 2.73 -10.13
N ALA A 74 4.42 1.97 -10.40
CA ALA A 74 3.14 2.60 -10.72
C ALA A 74 2.63 3.39 -9.52
N MET A 75 2.80 2.84 -8.31
CA MET A 75 2.24 3.56 -7.18
C MET A 75 3.07 4.81 -6.90
N ASN A 76 4.38 4.74 -7.17
CA ASN A 76 5.22 5.92 -6.94
C ASN A 76 4.97 7.01 -7.98
N ALA A 77 4.31 6.69 -9.08
CA ALA A 77 4.00 7.65 -10.11
C ALA A 77 2.63 8.30 -9.93
N ARG A 78 1.93 7.98 -8.85
CA ARG A 78 0.70 8.72 -8.51
C ARG A 78 1.03 10.20 -8.31
N PRO A 79 0.06 11.09 -8.56
CA PRO A 79 -1.31 10.82 -9.03
C PRO A 79 -1.35 10.45 -10.48
N HIS A 80 -2.24 9.51 -10.80
CA HIS A 80 -2.49 9.09 -12.16
C HIS A 80 -3.73 9.77 -12.72
N LYS A 81 -3.56 10.53 -13.78
CA LYS A 81 -4.69 11.09 -14.50
C LYS A 81 -4.88 10.24 -15.75
N VAL A 82 -5.99 9.51 -15.80
CA VAL A 82 -6.25 8.54 -16.87
C VAL A 82 -7.47 9.02 -17.62
N ASP A 83 -7.29 9.30 -18.92
CA ASP A 83 -8.40 9.79 -19.75
C ASP A 83 -9.06 11.01 -19.12
N GLY A 84 -8.25 11.88 -18.52
CA GLY A 84 -8.73 13.15 -18.01
C GLY A 84 -9.22 13.15 -16.57
N ARG A 85 -9.14 12.02 -15.87
CA ARG A 85 -9.66 11.90 -14.52
C ARG A 85 -8.58 11.32 -13.61
N VAL A 86 -8.42 11.90 -12.42
CA VAL A 86 -7.47 11.35 -11.45
C VAL A 86 -8.10 10.11 -10.85
N VAL A 87 -7.42 8.97 -11.00
CA VAL A 87 -7.95 7.70 -10.54
C VAL A 87 -7.32 7.32 -9.21
N GLU A 88 -7.74 6.21 -8.63
CA GLU A 88 -7.35 5.84 -7.27
C GLU A 88 -6.86 4.39 -7.29
N PRO A 89 -5.56 4.17 -7.49
CA PRO A 89 -5.03 2.81 -7.50
C PRO A 89 -4.68 2.37 -6.08
N LYS A 90 -4.99 1.11 -5.78
CA LYS A 90 -4.60 0.51 -4.50
C LYS A 90 -4.19 -0.94 -4.74
N ARG A 91 -3.23 -1.40 -3.95
CA ARG A 91 -2.81 -2.82 -4.02
C ARG A 91 -3.72 -3.65 -3.10
N ALA A 92 -3.61 -4.97 -3.21
CA ALA A 92 -4.42 -5.85 -2.33
C ALA A 92 -3.70 -6.16 -1.01
N VAL A 93 -4.47 -6.18 0.06
CA VAL A 93 -3.92 -6.58 1.40
C VAL A 93 -4.78 -7.78 1.84
N SER A 94 -4.26 -8.61 2.72
CA SER A 94 -5.06 -9.76 3.22
C SER A 94 -6.37 -9.25 3.83
N HIS A 104 -10.90 -2.87 0.75
CA HIS A 104 -9.64 -2.30 1.22
C HIS A 104 -9.89 -1.45 2.47
N LEU A 105 -9.08 -1.67 3.50
CA LEU A 105 -9.14 -0.86 4.71
C LEU A 105 -8.03 0.18 4.57
N THR A 106 -8.38 1.36 4.10
CA THR A 106 -7.38 2.33 3.65
C THR A 106 -6.98 3.23 4.82
N VAL A 107 -5.83 2.94 5.42
CA VAL A 107 -5.37 3.70 6.57
C VAL A 107 -3.90 4.05 6.37
N LYS A 108 -3.44 5.04 7.14
CA LYS A 108 -2.06 5.53 7.04
C LYS A 108 -1.25 5.23 8.28
N LYS A 109 -1.78 4.43 9.21
CA LYS A 109 -1.15 4.23 10.50
C LYS A 109 -1.02 2.73 10.74
N ILE A 110 0.13 2.33 11.33
CA ILE A 110 0.36 0.93 11.70
C ILE A 110 0.60 0.86 13.19
N PHE A 111 0.20 -0.29 13.74
CA PHE A 111 0.61 -0.76 15.06
C PHE A 111 1.87 -1.60 14.89
N VAL A 112 2.87 -1.39 15.74
CA VAL A 112 4.12 -2.15 15.71
C VAL A 112 4.30 -2.74 17.10
N GLY A 113 4.13 -4.06 17.23
CA GLY A 113 4.24 -4.71 18.52
C GLY A 113 5.47 -5.59 18.63
N GLY A 114 5.88 -5.87 19.87
CA GLY A 114 7.01 -6.73 20.11
C GLY A 114 8.34 -6.05 20.16
N ILE A 115 8.37 -4.71 20.32
CA ILE A 115 9.62 -3.97 20.26
C ILE A 115 10.28 -3.84 21.62
N LYS A 116 9.63 -4.33 22.69
CA LYS A 116 10.23 -4.42 24.02
C LYS A 116 10.59 -3.04 24.55
N GLU A 117 11.49 -2.97 25.54
CA GLU A 117 11.79 -1.69 26.16
C GLU A 117 12.98 -0.97 25.56
N ASP A 118 13.76 -1.62 24.69
CA ASP A 118 15.01 -1.03 24.22
C ASP A 118 14.89 -0.41 22.82
N THR A 119 13.72 -0.44 22.20
CA THR A 119 13.54 0.13 20.87
C THR A 119 13.18 1.60 20.98
N GLU A 120 13.88 2.43 20.21
CA GLU A 120 13.76 3.88 20.24
C GLU A 120 13.16 4.39 18.94
N GLU A 121 12.90 5.70 18.91
CA GLU A 121 12.26 6.31 17.75
C GLU A 121 13.13 6.13 16.51
N HIS A 122 14.44 6.28 16.64
CA HIS A 122 15.28 6.23 15.46
C HIS A 122 15.33 4.82 14.87
N HIS A 123 15.20 3.78 15.70
CA HIS A 123 15.12 2.41 15.18
C HIS A 123 13.92 2.29 14.25
N LEU A 124 12.77 2.78 14.70
CA LEU A 124 11.55 2.68 13.91
C LEU A 124 11.64 3.56 12.66
N ARG A 125 12.18 4.77 12.80
CA ARG A 125 12.29 5.67 11.66
C ARG A 125 13.22 5.09 10.62
N ASP A 126 14.39 4.62 11.03
CA ASP A 126 15.38 4.13 10.09
C ASP A 126 14.84 2.95 9.30
N TYR A 127 14.03 2.13 9.94
CA TYR A 127 13.46 0.97 9.25
C TYR A 127 12.28 1.37 8.38
N PHE A 128 11.30 2.06 8.95
CA PHE A 128 10.07 2.27 8.20
C PHE A 128 10.15 3.38 7.17
N GLU A 129 11.18 4.23 7.19
CA GLU A 129 11.23 5.35 6.25
C GLU A 129 11.38 4.86 4.82
N GLN A 130 11.84 3.63 4.62
CA GLN A 130 11.98 3.09 3.29
C GLN A 130 10.67 2.56 2.73
N TYR A 131 9.61 2.53 3.54
CA TYR A 131 8.29 2.19 3.03
C TYR A 131 7.48 3.42 2.65
N GLY A 132 7.79 4.57 3.21
CA GLY A 132 7.06 5.77 2.89
C GLY A 132 7.46 6.89 3.81
N LYS A 133 6.86 8.05 3.56
CA LYS A 133 7.18 9.24 4.32
C LYS A 133 6.48 9.21 5.67
N ILE A 134 7.25 9.26 6.75
CA ILE A 134 6.72 9.18 8.10
C ILE A 134 6.34 10.57 8.59
N GLU A 135 5.14 10.70 9.15
CA GLU A 135 4.72 11.92 9.82
C GLU A 135 4.73 11.84 11.33
N VAL A 136 4.40 10.69 11.93
CA VAL A 136 4.34 10.56 13.39
C VAL A 136 4.94 9.22 13.79
N ILE A 137 5.79 9.23 14.81
CA ILE A 137 6.17 8.01 15.51
C ILE A 137 5.79 8.17 16.97
N GLU A 138 5.01 7.23 17.48
CA GLU A 138 4.55 7.26 18.86
C GLU A 138 4.96 5.96 19.56
N ILE A 139 6.00 6.03 20.38
CA ILE A 139 6.43 4.89 21.19
C ILE A 139 5.62 4.92 22.47
N MET A 140 4.92 3.84 22.74
CA MET A 140 3.89 3.86 23.78
C MET A 140 4.54 3.64 25.14
N THR A 141 4.11 4.41 26.13
CA THR A 141 4.67 4.33 27.47
C THR A 141 3.53 4.19 28.48
N ASP A 142 3.87 3.65 29.64
CA ASP A 142 2.87 3.43 30.67
C ASP A 142 2.40 4.75 31.26
N ARG A 143 1.08 4.90 31.38
CA ARG A 143 0.47 6.14 31.85
C ARG A 143 0.87 6.46 33.28
N GLY A 144 1.13 5.45 34.09
CA GLY A 144 1.52 5.65 35.46
C GLY A 144 3.01 5.81 35.69
N SER A 145 3.82 4.95 35.05
CA SER A 145 5.24 4.88 35.35
C SER A 145 6.12 5.50 34.30
N GLY A 146 5.60 5.72 33.10
CA GLY A 146 6.44 6.17 32.00
C GLY A 146 7.27 5.08 31.34
N LYS A 147 7.20 3.83 31.81
CA LYS A 147 8.02 2.79 31.21
C LYS A 147 7.49 2.45 29.83
N LYS A 148 8.40 2.07 28.95
CA LYS A 148 7.98 1.65 27.62
C LYS A 148 7.15 0.39 27.70
N ARG A 149 6.09 0.32 26.90
CA ARG A 149 5.16 -0.79 26.93
C ARG A 149 5.47 -1.85 25.88
N GLY A 150 6.37 -1.57 24.96
CA GLY A 150 6.75 -2.55 23.96
C GLY A 150 5.96 -2.51 22.68
N PHE A 151 5.28 -1.40 22.39
CA PHE A 151 4.66 -1.26 21.07
C PHE A 151 4.64 0.22 20.70
N ALA A 152 4.33 0.48 19.43
CA ALA A 152 4.42 1.82 18.88
C ALA A 152 3.42 1.94 17.74
N PHE A 153 3.13 3.19 17.37
CA PHE A 153 2.38 3.48 16.16
C PHE A 153 3.19 4.37 15.23
N VAL A 154 3.13 4.08 13.93
CA VAL A 154 3.80 4.89 12.94
C VAL A 154 2.74 5.35 11.96
N THR A 155 2.69 6.66 11.73
CA THR A 155 1.76 7.27 10.78
C THR A 155 2.54 7.79 9.58
N PHE A 156 2.09 7.39 8.39
CA PHE A 156 2.69 7.82 7.15
C PHE A 156 1.80 8.85 6.46
N ASP A 157 2.34 9.48 5.42
CA ASP A 157 1.54 10.43 4.67
C ASP A 157 0.63 9.80 3.63
N ASP A 158 0.63 8.47 3.52
CA ASP A 158 -0.12 7.82 2.46
C ASP A 158 -0.27 6.34 2.76
N HIS A 159 -1.37 5.78 2.27
CA HIS A 159 -1.77 4.43 2.61
C HIS A 159 -0.91 3.35 1.96
N ASP A 160 -0.24 3.64 0.84
CA ASP A 160 0.47 2.55 0.16
C ASP A 160 1.63 2.05 0.99
N SER A 161 2.29 2.93 1.72
N SER A 161 2.24 2.94 1.77
CA SER A 161 3.30 2.51 2.68
CA SER A 161 3.29 2.54 2.70
C SER A 161 2.78 1.41 3.60
C SER A 161 2.79 1.44 3.63
N VAL A 162 1.63 1.67 4.24
CA VAL A 162 1.03 0.68 5.13
C VAL A 162 0.72 -0.60 4.39
N ASP A 163 0.15 -0.49 3.19
CA ASP A 163 -0.20 -1.68 2.41
C ASP A 163 1.03 -2.52 2.10
N LYS A 164 2.14 -1.90 1.70
CA LYS A 164 3.38 -2.64 1.49
C LYS A 164 3.85 -3.31 2.78
N ILE A 165 3.72 -2.62 3.91
CA ILE A 165 4.23 -3.14 5.17
C ILE A 165 3.46 -4.37 5.61
N VAL A 166 2.12 -4.32 5.57
CA VAL A 166 1.38 -5.40 6.20
C VAL A 166 1.30 -6.66 5.36
N ILE A 167 1.74 -6.62 4.10
CA ILE A 167 1.77 -7.86 3.34
C ILE A 167 3.09 -8.60 3.50
N GLN A 168 4.11 -7.98 4.08
CA GLN A 168 5.34 -8.71 4.37
C GLN A 168 5.07 -9.78 5.42
N LYS A 169 5.73 -10.94 5.28
CA LYS A 169 5.63 -11.97 6.31
C LYS A 169 6.35 -11.56 7.59
N TYR A 170 7.44 -10.81 7.48
CA TYR A 170 8.32 -10.53 8.61
C TYR A 170 8.69 -9.07 8.66
N HIS A 171 8.86 -8.55 9.88
CA HIS A 171 9.51 -7.28 10.12
C HIS A 171 10.44 -7.44 11.30
N THR A 172 11.72 -7.18 11.09
CA THR A 172 12.71 -7.21 12.17
C THR A 172 13.21 -5.80 12.38
N VAL A 173 12.96 -5.28 13.58
CA VAL A 173 13.34 -3.93 13.97
C VAL A 173 14.11 -4.02 15.27
N ASN A 174 15.34 -3.49 15.27
CA ASN A 174 16.18 -3.50 16.47
C ASN A 174 16.37 -4.91 17.01
N GLY A 175 16.45 -5.87 16.09
CA GLY A 175 16.68 -7.27 16.49
C GLY A 175 15.43 -8.01 16.89
N HIS A 176 14.31 -7.32 16.94
CA HIS A 176 13.07 -7.95 17.43
C HIS A 176 12.18 -8.36 16.25
N ASN A 177 11.57 -9.54 16.37
CA ASN A 177 10.59 -9.95 15.35
C ASN A 177 9.29 -9.23 15.72
N CYS A 178 8.84 -8.34 14.86
CA CYS A 178 7.70 -7.48 15.23
C CYS A 178 6.38 -7.91 14.60
N GLU A 179 5.30 -7.63 15.32
CA GLU A 179 3.95 -7.85 14.79
C GLU A 179 3.48 -6.48 14.27
N VAL A 180 3.07 -6.43 13.00
CA VAL A 180 2.67 -5.15 12.43
C VAL A 180 1.29 -5.30 11.83
N ARG A 181 0.39 -4.38 12.17
CA ARG A 181 -0.93 -4.41 11.58
C ARG A 181 -1.44 -2.99 11.34
N LYS A 182 -2.46 -2.90 10.51
CA LYS A 182 -3.15 -1.63 10.29
C LYS A 182 -3.78 -1.16 11.60
N ALA A 183 -3.71 0.15 11.85
CA ALA A 183 -4.22 0.75 13.09
C ALA A 183 -5.40 1.65 12.81
N LEU A 184 -6.46 1.48 13.62
CA LEU A 184 -7.75 2.19 13.58
C LEU A 184 -8.38 2.07 12.18
C4 O0M B . -12.49 -4.79 -7.47
C5 O0M B . -12.30 -3.62 -6.74
C6 O0M B . -11.60 -2.55 -7.29
C7 O0M B . -11.38 -1.28 -6.50
C8 O0M B . -12.26 0.08 -4.72
C10 O0M B . -14.59 1.01 -4.88
C13 O0M B . -11.10 -2.68 -8.57
N O0M B . -12.60 -0.80 -5.84
C O0M B . -13.60 -6.76 -9.38
O O0M B . -15.36 2.20 -4.85
C1 O0M B . -12.21 -6.18 -9.58
C11 O0M B . -14.78 0.28 -6.18
C12 O0M B . -13.45 -0.09 -6.80
C14 O0M B . -11.29 -3.84 -9.29
C2 O0M B . -11.15 -7.24 -9.30
C3 O0M B . -12.00 -4.91 -8.76
C9 O0M B . -13.13 1.33 -4.68
#